data_7CWF
#
_entry.id   7CWF
#
_cell.length_a   76.114
_cell.length_b   131.874
_cell.length_c   101.398
_cell.angle_alpha   90.00
_cell.angle_beta   90.00
_cell.angle_gamma   90.00
#
_symmetry.space_group_name_H-M   'C 2 2 21'
#
loop_
_entity.id
_entity.type
_entity.pdbx_description
1 polymer "High affinity cAMP-specific and IBMX-insensitive 3',5'-cyclic phosphodiesterase 8A"
2 non-polymer 'ZINC ION'
3 non-polymer 'MAGNESIUM ION'
4 non-polymer 9-[[4-[2,2-bis(fluoranyl)ethoxy]pyridin-2-yl]methyl]-2-chloranyl-purin-6-amine
5 water water
#
_entity_poly.entity_id   1
_entity_poly.type   'polypeptide(L)'
_entity_poly.pdbx_seq_one_letter_code
;DDVPPRIARAMENEEYWDFDIFELEAATHNRPLIYLGLKMFARFGICEFLHCSESTLRSWLQIIEANYHSSNPYHNSTHS
ADVLHATAYFLSKERIKETLDPIDEVAALIAATIHDVDHPGRTNSFLCNAGSELAILYNDTAVLESHHAALAFQLTTGDD
KCNIFKNMERNDYRTLRQGIIDMVLATEMTKHFEHVNKFVNSINKPLATLEENGETDKNQEVINTMLRTPENRTLIKRML
IKCADVSNPCRPLQYCIEWAARISEEYFSQTDEEKQQGLPVVMPVFDRNTCSIPKSQISFIDYFITDMFDAWDAFVDLPD
LMQHLDNNFKYWKGLDEM
;
_entity_poly.pdbx_strand_id   A
#
loop_
_chem_comp.id
_chem_comp.type
_chem_comp.name
_chem_comp.formula
GJR non-polymer 9-[[4-[2,2-bis(fluoranyl)ethoxy]pyridin-2-yl]methyl]-2-chloranyl-purin-6-amine 'C13 H11 Cl F2 N6 O'
MG non-polymer 'MAGNESIUM ION' 'Mg 2'
ZN non-polymer 'ZINC ION' 'Zn 2'
#
# COMPACT_ATOMS: atom_id res chain seq x y z
N ASP A 1 15.11 -6.81 -19.19
CA ASP A 1 16.59 -6.58 -19.17
C ASP A 1 16.97 -5.37 -20.01
N ASP A 2 16.58 -5.41 -21.29
CA ASP A 2 16.89 -4.33 -22.25
C ASP A 2 15.85 -3.21 -22.10
N VAL A 3 16.03 -2.40 -21.06
CA VAL A 3 15.11 -1.32 -20.72
C VAL A 3 15.55 -0.03 -21.43
N PRO A 4 14.59 0.79 -21.93
CA PRO A 4 14.95 2.08 -22.54
C PRO A 4 15.54 3.09 -21.54
N PRO A 5 16.24 4.13 -22.06
CA PRO A 5 17.09 4.97 -21.20
C PRO A 5 16.36 5.87 -20.19
N ARG A 6 15.26 6.50 -20.59
CA ARG A 6 14.51 7.39 -19.69
C ARG A 6 13.88 6.62 -18.53
N ILE A 7 13.32 5.45 -18.83
CA ILE A 7 12.75 4.57 -17.81
C ILE A 7 13.86 3.94 -16.95
N ALA A 8 15.03 3.67 -17.56
CA ALA A 8 16.21 3.22 -16.82
C ALA A 8 16.74 4.31 -15.88
N ARG A 9 16.77 5.55 -16.36
CA ARG A 9 17.16 6.72 -15.54
C ARG A 9 16.14 7.01 -14.42
N ALA A 10 14.86 6.79 -14.70
CA ALA A 10 13.79 6.99 -13.72
C ALA A 10 13.90 6.04 -12.52
N MET A 11 14.34 4.80 -12.77
CA MET A 11 14.50 3.78 -11.72
C MET A 11 15.97 3.64 -11.29
N GLU A 12 16.69 4.76 -11.18
CA GLU A 12 18.11 4.73 -10.82
C GLU A 12 18.27 4.47 -9.33
N ASN A 13 17.89 5.45 -8.50
CA ASN A 13 18.00 5.36 -7.05
C ASN A 13 16.66 4.97 -6.45
N GLU A 14 16.30 3.69 -6.62
CA GLU A 14 14.99 3.16 -6.21
C GLU A 14 14.96 2.65 -4.76
N GLU A 15 16.13 2.24 -4.24
CA GLU A 15 16.26 1.89 -2.81
C GLU A 15 16.06 3.08 -1.86
N TYR A 16 16.32 4.30 -2.34
CA TYR A 16 16.14 5.51 -1.54
C TYR A 16 14.66 5.91 -1.44
N TRP A 17 14.33 6.63 -0.36
CA TRP A 17 12.96 7.09 -0.12
C TRP A 17 12.56 8.20 -1.09
N ASP A 18 13.47 9.14 -1.33
CA ASP A 18 13.27 10.21 -2.32
C ASP A 18 13.34 9.58 -3.72
N PHE A 19 12.20 9.49 -4.39
CA PHE A 19 12.06 8.78 -5.65
C PHE A 19 10.98 9.44 -6.50
N ASP A 20 11.32 9.78 -7.75
CA ASP A 20 10.40 10.47 -8.66
C ASP A 20 9.49 9.46 -9.36
N ILE A 21 8.41 9.10 -8.68
CA ILE A 21 7.41 8.14 -9.20
C ILE A 21 6.62 8.72 -10.40
N PHE A 22 6.46 10.04 -10.44
CA PHE A 22 5.71 10.71 -11.51
C PHE A 22 6.53 10.87 -12.78
N GLU A 23 7.86 10.96 -12.65
CA GLU A 23 8.78 10.85 -13.79
C GLU A 23 8.69 9.46 -14.42
N LEU A 24 8.65 8.43 -13.57
CA LEU A 24 8.46 7.05 -14.02
C LEU A 24 7.10 6.83 -14.68
N GLU A 25 6.06 7.48 -14.14
CA GLU A 25 4.72 7.48 -14.75
C GLU A 25 4.73 8.10 -16.15
N ALA A 26 5.36 9.26 -16.27
CA ALA A 26 5.48 9.97 -17.55
C ALA A 26 6.38 9.24 -18.55
N ALA A 27 7.47 8.66 -18.04
CA ALA A 27 8.42 7.91 -18.88
C ALA A 27 7.84 6.61 -19.43
N THR A 28 7.13 5.87 -18.57
CA THR A 28 6.54 4.59 -18.96
C THR A 28 5.20 4.70 -19.69
N HIS A 29 4.62 5.90 -19.73
CA HIS A 29 3.32 6.16 -20.39
C HIS A 29 2.18 5.45 -19.67
N ASN A 30 2.07 5.73 -18.37
CA ASN A 30 1.10 5.09 -17.48
C ASN A 30 1.26 3.55 -17.45
N ARG A 31 2.51 3.10 -17.40
CA ARG A 31 2.84 1.69 -17.20
C ARG A 31 4.03 1.56 -16.21
N PRO A 32 3.95 2.21 -15.04
CA PRO A 32 5.08 2.17 -14.09
C PRO A 32 5.23 0.86 -13.30
N LEU A 33 4.13 0.12 -13.10
CA LEU A 33 4.12 -1.07 -12.25
C LEU A 33 4.91 -2.24 -12.85
N ILE A 34 4.81 -2.43 -14.16
CA ILE A 34 5.54 -3.51 -14.85
C ILE A 34 7.06 -3.32 -14.81
N TYR A 35 7.53 -2.08 -15.00
CA TYR A 35 8.97 -1.79 -15.00
C TYR A 35 9.56 -1.78 -13.59
N LEU A 36 8.86 -1.13 -12.66
CA LEU A 36 9.27 -1.10 -11.25
C LEU A 36 9.11 -2.47 -10.58
N GLY A 37 8.07 -3.21 -10.96
CA GLY A 37 7.83 -4.57 -10.47
C GLY A 37 8.95 -5.53 -10.84
N LEU A 38 9.35 -5.52 -12.11
CA LEU A 38 10.43 -6.38 -12.60
C LEU A 38 11.74 -6.21 -11.82
N LYS A 39 12.11 -4.96 -11.55
CA LYS A 39 13.35 -4.66 -10.82
C LYS A 39 13.24 -5.05 -9.34
N MET A 40 12.14 -4.68 -8.70
CA MET A 40 11.92 -4.98 -7.27
C MET A 40 11.78 -6.47 -7.00
N PHE A 41 11.08 -7.19 -7.89
CA PHE A 41 10.95 -8.65 -7.78
C PHE A 41 12.28 -9.36 -8.05
N ALA A 42 13.09 -8.81 -8.97
CA ALA A 42 14.43 -9.34 -9.25
C ALA A 42 15.42 -9.05 -8.12
N ARG A 43 15.32 -7.87 -7.50
CA ARG A 43 16.24 -7.46 -6.42
C ARG A 43 16.05 -8.32 -5.18
N PHE A 44 14.80 -8.50 -4.76
CA PHE A 44 14.45 -9.42 -3.68
C PHE A 44 14.57 -10.90 -4.11
N GLY A 45 14.29 -11.17 -5.38
CA GLY A 45 14.40 -12.53 -5.93
C GLY A 45 13.13 -13.33 -5.70
N ILE A 46 12.02 -12.83 -6.25
CA ILE A 46 10.70 -13.43 -6.05
C ILE A 46 10.54 -14.68 -6.90
N CYS A 47 10.81 -14.58 -8.19
CA CYS A 47 10.66 -15.73 -9.11
C CYS A 47 11.66 -16.88 -8.83
N GLU A 48 12.77 -16.57 -8.17
CA GLU A 48 13.68 -17.61 -7.66
C GLU A 48 13.05 -18.38 -6.50
N PHE A 49 12.31 -17.66 -5.63
CA PHE A 49 11.54 -18.27 -4.54
C PHE A 49 10.30 -19.01 -5.07
N LEU A 50 9.53 -18.34 -5.94
CA LEU A 50 8.31 -18.90 -6.50
C LEU A 50 8.52 -19.94 -7.62
N HIS A 51 9.72 -19.96 -8.21
CA HIS A 51 10.04 -20.81 -9.37
C HIS A 51 9.20 -20.43 -10.59
N CYS A 52 9.58 -19.33 -11.23
CA CYS A 52 8.92 -18.85 -12.46
C CYS A 52 9.92 -18.15 -13.38
N SER A 53 9.58 -18.10 -14.66
CA SER A 53 10.39 -17.41 -15.66
C SER A 53 10.11 -15.91 -15.64
N GLU A 54 10.94 -15.15 -16.35
CA GLU A 54 10.73 -13.72 -16.54
C GLU A 54 9.49 -13.45 -17.41
N SER A 55 9.25 -14.32 -18.37
CA SER A 55 8.05 -14.26 -19.22
C SER A 55 6.75 -14.50 -18.43
N THR A 56 6.81 -15.39 -17.44
CA THR A 56 5.69 -15.63 -16.53
C THR A 56 5.40 -14.40 -15.65
N LEU A 57 6.47 -13.75 -15.19
CA LEU A 57 6.36 -12.55 -14.37
C LEU A 57 5.83 -11.34 -15.15
N ARG A 58 6.34 -11.14 -16.38
CA ARG A 58 5.91 -10.04 -17.24
C ARG A 58 4.43 -10.12 -17.63
N SER A 59 3.96 -11.33 -17.95
CA SER A 59 2.54 -11.56 -18.27
C SER A 59 1.62 -11.30 -17.07
N TRP A 60 2.10 -11.61 -15.87
CA TRP A 60 1.36 -11.35 -14.63
C TRP A 60 1.26 -9.84 -14.34
N LEU A 61 2.38 -9.14 -14.49
CA LEU A 61 2.42 -7.68 -14.34
C LEU A 61 1.65 -6.95 -15.45
N GLN A 62 1.62 -7.54 -16.65
CA GLN A 62 0.87 -6.99 -17.79
C GLN A 62 -0.64 -7.00 -17.54
N ILE A 63 -1.17 -8.19 -17.27
CA ILE A 63 -2.62 -8.37 -17.06
C ILE A 63 -3.15 -7.67 -15.80
N ILE A 64 -2.32 -7.59 -14.77
CA ILE A 64 -2.67 -6.88 -13.53
C ILE A 64 -2.78 -5.37 -13.79
N GLU A 65 -1.70 -4.81 -14.35
CA GLU A 65 -1.63 -3.37 -14.66
C GLU A 65 -2.67 -2.90 -15.68
N ALA A 66 -3.06 -3.77 -16.61
CA ALA A 66 -4.13 -3.47 -17.57
C ALA A 66 -5.48 -3.24 -16.89
N ASN A 67 -5.75 -4.04 -15.86
CA ASN A 67 -7.00 -3.90 -15.07
C ASN A 67 -7.04 -2.69 -14.13
N TYR A 68 -5.91 -2.02 -13.91
CA TYR A 68 -5.90 -0.71 -13.24
C TYR A 68 -6.46 0.37 -14.16
N HIS A 69 -7.44 1.12 -13.65
CA HIS A 69 -8.13 2.16 -14.42
C HIS A 69 -7.24 3.40 -14.55
N SER A 70 -6.75 3.68 -15.76
CA SER A 70 -5.96 4.88 -16.03
C SER A 70 -6.76 6.18 -15.89
N SER A 71 -8.08 6.11 -16.15
CA SER A 71 -8.98 7.26 -16.04
C SER A 71 -9.11 7.83 -14.61
N ASN A 72 -8.88 6.98 -13.59
CA ASN A 72 -8.88 7.44 -12.19
C ASN A 72 -7.69 8.35 -11.90
N PRO A 73 -7.92 9.48 -11.19
CA PRO A 73 -6.78 10.34 -10.83
C PRO A 73 -5.78 9.68 -9.88
N TYR A 74 -6.28 9.14 -8.76
CA TYR A 74 -5.44 8.55 -7.73
C TYR A 74 -5.27 7.04 -7.90
N HIS A 75 -6.38 6.29 -7.78
CA HIS A 75 -6.33 4.82 -7.77
C HIS A 75 -6.09 4.25 -9.18
N ASN A 76 -4.82 4.26 -9.58
CA ASN A 76 -4.38 3.75 -10.88
C ASN A 76 -3.06 3.00 -10.72
N SER A 77 -2.50 2.52 -11.84
CA SER A 77 -1.22 1.80 -11.85
C SER A 77 -0.08 2.49 -11.08
N THR A 78 -0.02 3.83 -11.17
CA THR A 78 1.04 4.62 -10.53
C THR A 78 0.98 4.60 -9.00
N HIS A 79 -0.23 4.52 -8.45
CA HIS A 79 -0.40 4.41 -7.00
C HIS A 79 0.21 3.12 -6.44
N SER A 80 -0.13 1.99 -7.07
CA SER A 80 0.38 0.69 -6.64
C SER A 80 1.89 0.53 -6.79
N ALA A 81 2.45 1.17 -7.82
CA ALA A 81 3.91 1.27 -7.97
C ALA A 81 4.54 2.04 -6.80
N ASP A 82 3.90 3.14 -6.40
CA ASP A 82 4.32 3.93 -5.24
C ASP A 82 4.19 3.15 -3.92
N VAL A 83 3.11 2.38 -3.79
CA VAL A 83 2.89 1.52 -2.61
C VAL A 83 3.90 0.35 -2.62
N LEU A 84 4.18 -0.20 -3.80
CA LEU A 84 5.21 -1.23 -3.96
C LEU A 84 6.60 -0.70 -3.60
N HIS A 85 6.87 0.55 -3.94
CA HIS A 85 8.12 1.23 -3.55
C HIS A 85 8.20 1.43 -2.03
N ALA A 86 7.08 1.86 -1.43
CA ALA A 86 6.99 2.02 0.03
C ALA A 86 7.15 0.69 0.76
N THR A 87 6.51 -0.36 0.24
CA THR A 87 6.61 -1.71 0.80
C THR A 87 8.07 -2.21 0.79
N ALA A 88 8.71 -2.13 -0.37
CA ALA A 88 10.11 -2.55 -0.54
C ALA A 88 11.08 -1.78 0.37
N TYR A 89 10.79 -0.50 0.60
CA TYR A 89 11.58 0.33 1.51
C TYR A 89 11.51 -0.17 2.95
N PHE A 90 10.29 -0.49 3.41
CA PHE A 90 10.08 -0.99 4.77
C PHE A 90 10.66 -2.40 4.97
N LEU A 91 10.52 -3.26 3.96
CA LEU A 91 11.13 -4.60 3.98
C LEU A 91 12.66 -4.56 4.08
N SER A 92 13.27 -3.56 3.44
CA SER A 92 14.74 -3.39 3.46
C SER A 92 15.31 -2.88 4.80
N LYS A 93 14.46 -2.36 5.69
CA LYS A 93 14.91 -1.89 7.01
C LYS A 93 15.36 -3.03 7.93
N GLU A 94 16.27 -2.69 8.85
CA GLU A 94 16.92 -3.67 9.74
C GLU A 94 15.92 -4.40 10.66
N ARG A 95 14.92 -3.67 11.16
CA ARG A 95 13.88 -4.25 12.02
C ARG A 95 13.05 -5.31 11.30
N ILE A 96 12.65 -5.02 10.06
CA ILE A 96 11.74 -5.89 9.31
C ILE A 96 12.45 -7.13 8.75
N LYS A 97 13.71 -6.99 8.32
CA LYS A 97 14.50 -8.12 7.81
C LYS A 97 14.69 -9.21 8.86
N GLU A 98 15.15 -8.81 10.05
CA GLU A 98 15.38 -9.76 11.15
C GLU A 98 14.09 -10.32 11.77
N THR A 99 12.98 -9.59 11.64
CA THR A 99 11.68 -10.02 12.19
C THR A 99 10.93 -10.94 11.22
N LEU A 100 10.74 -10.48 9.98
CA LEU A 100 9.97 -11.23 8.99
C LEU A 100 10.81 -12.28 8.24
N ASP A 101 10.11 -13.26 7.67
CA ASP A 101 10.72 -14.35 6.90
C ASP A 101 10.67 -14.01 5.39
N PRO A 102 11.43 -14.77 4.56
CA PRO A 102 11.36 -14.57 3.10
C PRO A 102 9.96 -14.76 2.48
N ILE A 103 9.15 -15.67 3.03
CA ILE A 103 7.76 -15.86 2.58
C ILE A 103 6.88 -14.62 2.82
N ASP A 104 7.18 -13.88 3.90
CA ASP A 104 6.47 -12.64 4.22
C ASP A 104 6.86 -11.49 3.28
N GLU A 105 8.15 -11.43 2.93
CA GLU A 105 8.66 -10.44 1.96
C GLU A 105 7.97 -10.58 0.60
N VAL A 106 7.80 -11.83 0.17
CA VAL A 106 7.13 -12.14 -1.10
C VAL A 106 5.64 -11.82 -1.00
N ALA A 107 5.02 -12.17 0.12
CA ALA A 107 3.61 -11.88 0.39
C ALA A 107 3.31 -10.37 0.38
N ALA A 108 4.24 -9.59 0.93
CA ALA A 108 4.10 -8.13 1.00
C ALA A 108 4.18 -7.45 -0.38
N LEU A 109 5.18 -7.84 -1.16
CA LEU A 109 5.41 -7.25 -2.49
C LEU A 109 4.31 -7.60 -3.50
N ILE A 110 3.81 -8.84 -3.44
CA ILE A 110 2.70 -9.27 -4.31
C ILE A 110 1.40 -8.56 -3.89
N ALA A 111 1.15 -8.48 -2.59
CA ALA A 111 -0.04 -7.79 -2.05
C ALA A 111 -0.06 -6.31 -2.43
N ALA A 112 1.09 -5.64 -2.28
CA ALA A 112 1.24 -4.23 -2.68
C ALA A 112 0.94 -3.97 -4.16
N THR A 113 1.29 -4.93 -5.01
CA THR A 113 1.03 -4.85 -6.45
C THR A 113 -0.47 -4.92 -6.79
N ILE A 114 -1.21 -5.78 -6.08
CA ILE A 114 -2.62 -6.07 -6.42
C ILE A 114 -3.67 -5.38 -5.54
N HIS A 115 -3.26 -4.63 -4.51
CA HIS A 115 -4.17 -4.17 -3.46
C HIS A 115 -5.34 -3.27 -3.89
N ASP A 116 -5.21 -2.58 -5.02
CA ASP A 116 -6.30 -1.76 -5.58
C ASP A 116 -6.56 -2.07 -7.07
N VAL A 117 -6.46 -3.34 -7.46
CA VAL A 117 -6.70 -3.73 -8.86
C VAL A 117 -8.18 -3.63 -9.22
N ASP A 118 -8.48 -2.99 -10.36
CA ASP A 118 -9.85 -2.70 -10.81
C ASP A 118 -10.63 -1.83 -9.82
N HIS A 119 -10.00 -0.75 -9.38
CA HIS A 119 -10.63 0.25 -8.50
C HIS A 119 -11.45 1.18 -9.41
N PRO A 120 -12.75 1.40 -9.10
CA PRO A 120 -13.59 2.25 -9.97
C PRO A 120 -13.57 3.77 -9.64
N GLY A 121 -12.55 4.24 -8.92
CA GLY A 121 -12.51 5.62 -8.42
C GLY A 121 -13.63 6.01 -7.48
N ARG A 122 -14.20 5.02 -6.77
CA ARG A 122 -15.35 5.24 -5.89
C ARG A 122 -15.18 4.42 -4.61
N THR A 123 -15.70 4.93 -3.50
CA THR A 123 -15.57 4.29 -2.19
C THR A 123 -16.52 3.11 -2.03
N ASN A 124 -16.32 2.33 -0.96
CA ASN A 124 -17.23 1.24 -0.60
C ASN A 124 -18.65 1.75 -0.33
N SER A 125 -18.75 2.86 0.40
CA SER A 125 -20.05 3.46 0.75
C SER A 125 -20.88 3.87 -0.46
N PHE A 126 -20.21 4.36 -1.51
CA PHE A 126 -20.87 4.70 -2.78
C PHE A 126 -21.53 3.48 -3.43
N LEU A 127 -20.80 2.37 -3.47
CA LEU A 127 -21.25 1.14 -4.11
C LEU A 127 -22.43 0.50 -3.35
N CYS A 128 -22.38 0.53 -2.02
CA CYS A 128 -23.46 0.02 -1.17
C CYS A 128 -24.75 0.82 -1.30
N ASN A 129 -24.63 2.15 -1.25
CA ASN A 129 -25.77 3.06 -1.40
C ASN A 129 -26.36 3.04 -2.82
N ALA A 130 -25.49 3.03 -3.83
CA ALA A 130 -25.93 2.92 -5.22
C ALA A 130 -26.47 1.53 -5.58
N GLY A 131 -26.03 0.51 -4.86
CA GLY A 131 -26.46 -0.87 -5.11
C GLY A 131 -25.72 -1.45 -6.28
N SER A 132 -24.39 -1.33 -6.27
CA SER A 132 -23.55 -1.79 -7.37
C SER A 132 -23.45 -3.31 -7.42
N GLU A 133 -22.94 -3.81 -8.54
CA GLU A 133 -22.81 -5.26 -8.76
C GLU A 133 -21.93 -5.94 -7.71
N LEU A 134 -20.82 -5.29 -7.36
CA LEU A 134 -19.90 -5.80 -6.34
C LEU A 134 -20.46 -5.66 -4.91
N ALA A 135 -21.24 -4.62 -4.66
CA ALA A 135 -21.91 -4.43 -3.36
C ALA A 135 -22.91 -5.55 -3.07
N ILE A 136 -23.64 -5.97 -4.10
CA ILE A 136 -24.55 -7.12 -4.01
C ILE A 136 -23.75 -8.43 -3.94
N LEU A 137 -22.67 -8.52 -4.71
CA LEU A 137 -21.81 -9.71 -4.75
C LEU A 137 -21.10 -9.97 -3.42
N TYR A 138 -20.64 -8.91 -2.74
CA TYR A 138 -19.93 -9.02 -1.47
C TYR A 138 -20.73 -8.58 -0.24
N ASN A 139 -22.02 -8.31 -0.43
CA ASN A 139 -22.97 -8.07 0.68
C ASN A 139 -22.62 -6.88 1.58
N ASP A 140 -22.18 -5.77 0.95
CA ASP A 140 -21.77 -4.54 1.66
C ASP A 140 -20.72 -4.77 2.75
N THR A 141 -19.81 -5.71 2.51
CA THR A 141 -18.81 -6.12 3.50
C THR A 141 -17.46 -6.24 2.79
N ALA A 142 -16.62 -5.22 2.95
CA ALA A 142 -15.31 -5.13 2.30
C ALA A 142 -15.45 -5.32 0.79
N VAL A 143 -16.28 -4.49 0.17
CA VAL A 143 -16.72 -4.69 -1.22
C VAL A 143 -15.54 -4.59 -2.19
N LEU A 144 -14.83 -3.46 -2.12
CA LEU A 144 -13.64 -3.25 -2.95
C LEU A 144 -12.49 -4.17 -2.54
N GLU A 145 -12.21 -4.24 -1.24
CA GLU A 145 -11.07 -4.99 -0.71
C GLU A 145 -11.12 -6.49 -1.06
N SER A 146 -12.31 -7.07 -0.98
CA SER A 146 -12.52 -8.46 -1.39
C SER A 146 -12.42 -8.63 -2.92
N HIS A 147 -12.97 -7.67 -3.66
CA HIS A 147 -12.88 -7.67 -5.12
C HIS A 147 -11.44 -7.54 -5.65
N HIS A 148 -10.62 -6.73 -4.97
CA HIS A 148 -9.22 -6.55 -5.37
C HIS A 148 -8.44 -7.87 -5.29
N ALA A 149 -8.55 -8.55 -4.16
CA ALA A 149 -7.87 -9.82 -3.93
C ALA A 149 -8.42 -10.93 -4.82
N ALA A 150 -9.75 -11.04 -4.88
CA ALA A 150 -10.43 -12.08 -5.66
C ALA A 150 -10.08 -12.02 -7.14
N LEU A 151 -10.28 -10.85 -7.73
CA LEU A 151 -9.99 -10.62 -9.15
C LEU A 151 -8.51 -10.81 -9.50
N ALA A 152 -7.61 -10.50 -8.55
CA ALA A 152 -6.17 -10.71 -8.75
C ALA A 152 -5.83 -12.19 -8.93
N PHE A 153 -6.40 -13.03 -8.08
CA PHE A 153 -6.23 -14.50 -8.20
C PHE A 153 -6.96 -15.10 -9.41
N GLN A 154 -8.10 -14.49 -9.80
CA GLN A 154 -8.81 -14.90 -11.03
C GLN A 154 -7.95 -14.72 -12.28
N LEU A 155 -7.27 -13.58 -12.37
CA LEU A 155 -6.38 -13.28 -13.51
C LEU A 155 -5.08 -14.09 -13.48
N THR A 156 -4.58 -14.39 -12.28
CA THR A 156 -3.33 -15.13 -12.11
C THR A 156 -3.49 -16.62 -12.43
N THR A 157 -4.33 -17.31 -11.65
CA THR A 157 -4.51 -18.76 -11.78
C THR A 157 -5.42 -19.18 -12.94
N GLY A 158 -6.25 -18.26 -13.44
CA GLY A 158 -7.15 -18.53 -14.57
C GLY A 158 -6.43 -18.82 -15.87
N ASP A 159 -5.39 -18.04 -16.16
CA ASP A 159 -4.56 -18.22 -17.35
C ASP A 159 -3.25 -18.91 -16.96
N ASP A 160 -2.76 -19.81 -17.81
CA ASP A 160 -1.56 -20.60 -17.53
C ASP A 160 -0.27 -19.78 -17.61
N LYS A 161 -0.17 -18.93 -18.63
CA LYS A 161 1.00 -18.05 -18.80
C LYS A 161 1.14 -16.99 -17.71
N CYS A 162 0.01 -16.49 -17.21
CA CYS A 162 0.00 -15.48 -16.15
C CYS A 162 0.25 -16.03 -14.73
N ASN A 163 0.05 -17.34 -14.55
CA ASN A 163 0.16 -17.96 -13.23
C ASN A 163 1.60 -18.03 -12.71
N ILE A 164 1.94 -17.08 -11.84
CA ILE A 164 3.22 -17.10 -11.11
C ILE A 164 3.29 -18.16 -10.00
N PHE A 165 2.12 -18.64 -9.55
CA PHE A 165 2.03 -19.68 -8.52
C PHE A 165 1.87 -21.08 -9.13
N LYS A 166 2.60 -21.35 -10.21
CA LYS A 166 2.44 -22.59 -10.98
C LYS A 166 3.28 -23.70 -10.38
N ASN A 167 4.58 -23.46 -10.24
CA ASN A 167 5.54 -24.46 -9.77
C ASN A 167 5.84 -24.31 -8.28
N MET A 168 4.80 -24.49 -7.46
CA MET A 168 4.91 -24.39 -6.00
C MET A 168 4.29 -25.60 -5.32
N GLU A 169 4.71 -25.84 -4.07
CA GLU A 169 4.14 -26.90 -3.25
C GLU A 169 2.80 -26.40 -2.70
N ARG A 170 1.82 -27.30 -2.61
CA ARG A 170 0.45 -26.95 -2.17
C ARG A 170 0.40 -26.25 -0.80
N ASN A 171 1.27 -26.65 0.11
CA ASN A 171 1.36 -26.02 1.44
C ASN A 171 1.96 -24.61 1.37
N ASP A 172 3.00 -24.44 0.58
CA ASP A 172 3.66 -23.13 0.41
C ASP A 172 2.74 -22.10 -0.25
N TYR A 173 1.99 -22.52 -1.27
CA TYR A 173 1.00 -21.66 -1.92
C TYR A 173 -0.17 -21.33 -1.00
N ARG A 174 -0.67 -22.33 -0.28
CA ARG A 174 -1.78 -22.15 0.67
C ARG A 174 -1.45 -21.14 1.76
N THR A 175 -0.22 -21.20 2.29
CA THR A 175 0.26 -20.24 3.27
C THR A 175 0.41 -18.84 2.66
N LEU A 176 1.03 -18.79 1.49
CA LEU A 176 1.26 -17.53 0.76
C LEU A 176 -0.04 -16.86 0.28
N ARG A 177 -1.03 -17.67 -0.09
CA ARG A 177 -2.35 -17.17 -0.49
C ARG A 177 -3.07 -16.48 0.67
N GLN A 178 -3.05 -17.12 1.84
CA GLN A 178 -3.67 -16.56 3.05
C GLN A 178 -2.97 -15.27 3.51
N GLY A 179 -1.64 -15.24 3.37
CA GLY A 179 -0.85 -14.04 3.69
C GLY A 179 -1.17 -12.84 2.82
N ILE A 180 -1.31 -13.07 1.52
CA ILE A 180 -1.64 -12.00 0.56
C ILE A 180 -3.07 -11.48 0.80
N ILE A 181 -4.02 -12.41 0.95
CA ILE A 181 -5.43 -12.06 1.20
C ILE A 181 -5.60 -11.22 2.46
N ASP A 182 -4.88 -11.57 3.52
CA ASP A 182 -4.96 -10.85 4.80
C ASP A 182 -4.47 -9.40 4.68
N MET A 183 -3.37 -9.19 3.98
CA MET A 183 -2.79 -7.85 3.79
C MET A 183 -3.66 -6.96 2.90
N VAL A 184 -4.26 -7.54 1.86
CA VAL A 184 -5.17 -6.79 0.97
C VAL A 184 -6.45 -6.36 1.70
N LEU A 185 -7.00 -7.25 2.53
CA LEU A 185 -8.17 -6.94 3.34
C LEU A 185 -7.88 -5.95 4.48
N ALA A 186 -6.65 -5.98 4.99
CA ALA A 186 -6.23 -5.09 6.09
C ALA A 186 -6.22 -3.60 5.73
N THR A 187 -6.15 -3.28 4.43
CA THR A 187 -6.18 -1.89 3.96
C THR A 187 -7.55 -1.20 4.06
N GLU A 188 -8.61 -1.95 4.40
CA GLU A 188 -9.97 -1.38 4.55
C GLU A 188 -10.01 -0.26 5.60
N MET A 189 -10.80 0.76 5.31
CA MET A 189 -10.91 1.97 6.15
C MET A 189 -11.55 1.67 7.51
N THR A 190 -12.67 0.95 7.50
CA THR A 190 -13.43 0.62 8.72
C THR A 190 -12.63 -0.12 9.79
N LYS A 191 -11.64 -0.91 9.38
CA LYS A 191 -10.77 -1.64 10.30
C LYS A 191 -9.45 -0.92 10.63
N HIS A 192 -9.40 0.41 10.47
CA HIS A 192 -8.17 1.18 10.68
C HIS A 192 -7.69 1.13 12.14
N PHE A 193 -8.53 1.64 13.04
CA PHE A 193 -8.16 1.73 14.46
C PHE A 193 -8.01 0.38 15.16
N GLU A 194 -8.67 -0.64 14.63
CA GLU A 194 -8.50 -2.01 15.12
C GLU A 194 -7.08 -2.52 14.86
N HIS A 195 -6.61 -2.34 13.62
CA HIS A 195 -5.26 -2.79 13.24
C HIS A 195 -4.13 -1.95 13.85
N VAL A 196 -4.39 -0.66 14.06
CA VAL A 196 -3.40 0.24 14.69
C VAL A 196 -3.25 -0.09 16.18
N ASN A 197 -4.38 -0.23 16.88
CA ASN A 197 -4.36 -0.54 18.32
C ASN A 197 -3.74 -1.90 18.65
N LYS A 198 -4.02 -2.91 17.82
CA LYS A 198 -3.40 -4.22 17.97
C LYS A 198 -1.89 -4.20 17.77
N PHE A 199 -1.41 -3.33 16.88
CA PHE A 199 0.03 -3.13 16.68
C PHE A 199 0.70 -2.48 17.90
N VAL A 200 0.01 -1.54 18.53
CA VAL A 200 0.53 -0.88 19.74
C VAL A 200 0.53 -1.84 20.94
N ASN A 201 -0.62 -2.50 21.16
CA ASN A 201 -0.80 -3.36 22.34
C ASN A 201 0.01 -4.66 22.31
N SER A 202 0.13 -5.29 21.14
CA SER A 202 0.76 -6.61 21.01
C SER A 202 2.26 -6.58 20.69
N ILE A 203 2.74 -5.48 20.09
CA ILE A 203 4.15 -5.39 19.65
C ILE A 203 4.90 -4.29 20.40
N ASN A 204 4.48 -3.05 20.23
CA ASN A 204 5.22 -1.88 20.77
C ASN A 204 5.30 -1.80 22.30
N LYS A 205 4.18 -2.07 22.97
CA LYS A 205 4.12 -1.99 24.44
C LYS A 205 4.91 -3.11 25.15
N PRO A 206 4.81 -4.37 24.66
CA PRO A 206 5.73 -5.42 25.12
C PRO A 206 7.20 -5.16 24.80
N LEU A 207 7.48 -4.66 23.59
CA LEU A 207 8.85 -4.36 23.18
C LEU A 207 9.48 -3.21 23.98
N ALA A 208 8.68 -2.23 24.36
CA ALA A 208 9.14 -1.13 25.22
C ALA A 208 9.50 -1.61 26.63
N THR A 209 8.76 -2.61 27.13
CA THR A 209 9.02 -3.21 28.44
C THR A 209 10.37 -3.95 28.46
N LEU A 210 10.62 -4.76 27.42
CA LEU A 210 11.84 -5.56 27.32
C LEU A 210 13.10 -4.73 27.05
N GLU A 211 12.96 -3.67 26.24
CA GLU A 211 14.07 -2.76 25.95
C GLU A 211 14.54 -1.94 27.16
N GLU A 212 13.65 -1.73 28.15
CA GLU A 212 14.00 -1.06 29.39
C GLU A 212 14.97 -1.86 30.28
N ASN A 213 14.96 -3.18 30.14
CA ASN A 213 15.87 -4.06 30.90
C ASN A 213 17.33 -3.86 30.51
N GLY A 214 17.60 -3.90 29.20
CA GLY A 214 18.95 -3.67 28.67
C GLY A 214 19.15 -4.26 27.29
N GLU A 215 20.41 -4.33 26.87
CA GLU A 215 20.82 -4.90 25.58
C GLU A 215 21.55 -6.23 25.79
N THR A 216 20.99 -7.10 26.63
CA THR A 216 21.60 -8.38 26.99
C THR A 216 21.38 -9.39 25.86
N ASP A 217 22.30 -10.34 25.73
CA ASP A 217 22.24 -11.37 24.68
C ASP A 217 21.04 -12.32 24.85
N LYS A 218 20.77 -12.70 26.10
CA LYS A 218 19.58 -13.51 26.44
C LYS A 218 18.26 -12.74 26.21
N ASN A 219 18.29 -11.43 26.45
CA ASN A 219 17.10 -10.57 26.29
C ASN A 219 16.73 -10.36 24.81
N GLN A 220 17.72 -10.32 23.92
CA GLN A 220 17.47 -10.21 22.47
C GLN A 220 16.73 -11.43 21.90
N GLU A 221 17.05 -12.62 22.40
CA GLU A 221 16.36 -13.85 21.98
C GLU A 221 14.91 -13.90 22.45
N VAL A 222 14.62 -13.28 23.59
CA VAL A 222 13.24 -13.14 24.09
C VAL A 222 12.45 -12.17 23.20
N ILE A 223 13.10 -11.07 22.79
CA ILE A 223 12.51 -10.11 21.86
C ILE A 223 12.31 -10.75 20.47
N ASN A 224 13.32 -11.48 20.01
CA ASN A 224 13.25 -12.18 18.71
C ASN A 224 12.15 -13.23 18.68
N THR A 225 12.12 -14.10 19.69
CA THR A 225 11.12 -15.17 19.79
C THR A 225 9.68 -14.64 19.85
N MET A 226 9.48 -13.53 20.58
CA MET A 226 8.16 -12.92 20.74
C MET A 226 7.64 -12.31 19.44
N LEU A 227 8.49 -11.51 18.77
CA LEU A 227 8.11 -10.85 17.52
C LEU A 227 7.95 -11.79 16.34
N ARG A 228 8.77 -12.84 16.28
CA ARG A 228 8.78 -13.78 15.13
C ARG A 228 7.63 -14.81 15.11
N THR A 229 6.71 -14.76 16.08
CA THR A 229 5.55 -15.67 16.10
C THR A 229 4.58 -15.39 14.93
N PRO A 230 3.81 -16.40 14.49
CA PRO A 230 2.84 -16.21 13.39
C PRO A 230 1.81 -15.10 13.61
N GLU A 231 1.41 -14.89 14.86
CA GLU A 231 0.40 -13.88 15.21
C GLU A 231 0.94 -12.46 15.06
N ASN A 232 2.12 -12.21 15.65
CA ASN A 232 2.76 -10.88 15.60
C ASN A 232 3.30 -10.51 14.22
N ARG A 233 3.80 -11.50 13.47
CA ARG A 233 4.24 -11.28 12.09
C ARG A 233 3.10 -10.80 11.19
N THR A 234 1.92 -11.37 11.39
CA THR A 234 0.70 -10.94 10.69
C THR A 234 0.34 -9.49 11.02
N LEU A 235 0.42 -9.13 12.31
CA LEU A 235 0.16 -7.76 12.77
C LEU A 235 1.15 -6.73 12.22
N ILE A 236 2.41 -7.15 12.06
CA ILE A 236 3.44 -6.31 11.42
C ILE A 236 3.14 -6.13 9.93
N LYS A 237 2.75 -7.23 9.27
CA LYS A 237 2.35 -7.20 7.85
C LYS A 237 1.12 -6.33 7.60
N ARG A 238 0.12 -6.44 8.49
CA ARG A 238 -1.07 -5.57 8.46
C ARG A 238 -0.70 -4.09 8.62
N MET A 239 0.26 -3.80 9.50
CA MET A 239 0.72 -2.43 9.72
C MET A 239 1.58 -1.92 8.57
N LEU A 240 2.40 -2.80 7.99
CA LEU A 240 3.31 -2.42 6.89
C LEU A 240 2.56 -2.06 5.61
N ILE A 241 1.56 -2.86 5.25
CA ILE A 241 0.72 -2.59 4.07
C ILE A 241 -0.13 -1.33 4.27
N LYS A 242 -0.60 -1.11 5.50
CA LYS A 242 -1.41 0.06 5.83
C LYS A 242 -0.63 1.37 5.75
N CYS A 243 0.60 1.36 6.28
CA CYS A 243 1.48 2.53 6.21
C CYS A 243 1.94 2.79 4.78
N ALA A 244 2.35 1.74 4.07
CA ALA A 244 2.78 1.84 2.67
C ALA A 244 1.67 2.33 1.73
N ASP A 245 0.43 1.94 2.02
CA ASP A 245 -0.73 2.37 1.23
C ASP A 245 -0.96 3.88 1.33
N VAL A 246 -0.77 4.45 2.52
CA VAL A 246 -0.95 5.89 2.76
C VAL A 246 0.34 6.59 3.19
N SER A 247 1.42 6.30 2.47
CA SER A 247 2.74 6.89 2.73
C SER A 247 2.96 8.26 2.07
N ASN A 248 2.00 8.72 1.25
CA ASN A 248 2.13 9.98 0.51
C ASN A 248 2.33 11.28 1.33
N PRO A 249 1.78 11.35 2.57
CA PRO A 249 2.11 12.52 3.40
C PRO A 249 3.55 12.53 3.94
N CYS A 250 4.21 11.37 3.96
CA CYS A 250 5.61 11.25 4.37
C CYS A 250 6.61 11.28 3.20
N ARG A 251 6.15 11.71 2.01
CA ARG A 251 7.03 11.87 0.84
C ARG A 251 7.60 13.29 0.76
N PRO A 252 8.58 13.52 -0.13
CA PRO A 252 9.04 14.88 -0.46
C PRO A 252 7.92 15.84 -0.87
N LEU A 253 8.14 17.12 -0.61
CA LEU A 253 7.10 18.15 -0.68
C LEU A 253 6.28 18.16 -1.99
N GLN A 254 6.97 18.12 -3.13
CA GLN A 254 6.30 18.15 -4.43
C GLN A 254 5.48 16.89 -4.74
N TYR A 255 5.90 15.74 -4.22
CA TYR A 255 5.16 14.48 -4.41
C TYR A 255 3.94 14.40 -3.48
N CYS A 256 4.11 14.87 -2.25
CA CYS A 256 3.01 15.00 -1.27
C CYS A 256 1.82 15.79 -1.80
N ILE A 257 2.12 16.92 -2.45
CA ILE A 257 1.08 17.82 -2.99
C ILE A 257 0.36 17.16 -4.18
N GLU A 258 1.11 16.45 -5.03
CA GLU A 258 0.55 15.80 -6.21
C GLU A 258 -0.42 14.67 -5.85
N TRP A 259 -0.05 13.85 -4.86
CA TRP A 259 -0.94 12.79 -4.36
C TRP A 259 -2.21 13.33 -3.71
N ALA A 260 -2.08 14.44 -2.99
CA ALA A 260 -3.23 15.12 -2.35
C ALA A 260 -4.21 15.68 -3.38
N ALA A 261 -3.70 16.24 -4.47
CA ALA A 261 -4.53 16.77 -5.55
C ALA A 261 -5.33 15.67 -6.24
N ARG A 262 -4.70 14.52 -6.48
CA ARG A 262 -5.34 13.40 -7.17
C ARG A 262 -6.47 12.77 -6.38
N ILE A 263 -6.21 12.41 -5.13
CA ILE A 263 -7.24 11.83 -4.25
C ILE A 263 -8.40 12.81 -3.96
N SER A 264 -8.08 14.10 -3.89
CA SER A 264 -9.10 15.14 -3.74
C SER A 264 -9.98 15.23 -4.98
N GLU A 265 -9.36 15.26 -6.16
CA GLU A 265 -10.08 15.29 -7.45
C GLU A 265 -10.99 14.05 -7.64
N GLU A 266 -10.53 12.90 -7.16
CA GLU A 266 -11.30 11.65 -7.22
C GLU A 266 -12.58 11.71 -6.37
N TYR A 267 -12.48 12.30 -5.17
CA TYR A 267 -13.66 12.50 -4.32
C TYR A 267 -14.65 13.51 -4.85
N PHE A 268 -14.17 14.52 -5.58
CA PHE A 268 -15.05 15.51 -6.21
C PHE A 268 -15.86 14.89 -7.35
N SER A 269 -15.26 13.95 -8.09
CA SER A 269 -15.98 13.18 -9.10
C SER A 269 -17.12 12.37 -8.50
N GLN A 270 -16.86 11.75 -7.36
CA GLN A 270 -17.87 10.99 -6.61
C GLN A 270 -18.99 11.88 -6.07
N THR A 271 -18.62 13.05 -5.56
CA THR A 271 -19.58 14.00 -4.97
C THR A 271 -20.54 14.58 -6.01
N ASP A 272 -20.03 14.88 -7.20
CA ASP A 272 -20.86 15.37 -8.31
C ASP A 272 -21.85 14.32 -8.80
N GLU A 273 -21.42 13.06 -8.84
CA GLU A 273 -22.27 11.94 -9.26
C GLU A 273 -23.36 11.62 -8.22
N GLU A 274 -23.00 11.66 -6.94
CA GLU A 274 -23.95 11.42 -5.84
C GLU A 274 -25.07 12.45 -5.79
N LYS A 275 -24.74 13.72 -6.02
CA LYS A 275 -25.74 14.80 -6.06
C LYS A 275 -26.63 14.72 -7.30
N GLN A 276 -26.04 14.36 -8.44
CA GLN A 276 -26.78 14.22 -9.71
C GLN A 276 -27.82 13.09 -9.63
N GLN A 277 -27.36 11.91 -9.23
CA GLN A 277 -28.23 10.73 -9.11
C GLN A 277 -29.23 10.81 -7.96
N GLY A 278 -28.90 11.58 -6.91
CA GLY A 278 -29.73 11.70 -5.72
C GLY A 278 -29.44 10.63 -4.69
N LEU A 279 -28.15 10.41 -4.45
CA LEU A 279 -27.66 9.43 -3.47
C LEU A 279 -27.29 10.16 -2.17
N PRO A 280 -27.19 9.42 -1.04
CA PRO A 280 -26.74 10.06 0.20
C PRO A 280 -25.27 10.48 0.13
N VAL A 281 -25.00 11.75 0.41
CA VAL A 281 -23.65 12.31 0.27
C VAL A 281 -22.79 11.90 1.47
N VAL A 282 -21.96 10.89 1.27
CA VAL A 282 -21.11 10.33 2.34
C VAL A 282 -19.89 11.19 2.69
N MET A 283 -19.34 11.89 1.68
CA MET A 283 -18.25 12.85 1.87
C MET A 283 -18.71 14.26 1.46
N PRO A 284 -19.47 14.95 2.34
CA PRO A 284 -19.91 16.31 2.03
C PRO A 284 -18.79 17.36 2.05
N VAL A 285 -17.79 17.17 2.93
CA VAL A 285 -16.63 18.06 2.99
C VAL A 285 -15.78 18.07 1.71
N PHE A 286 -15.72 16.92 1.01
CA PHE A 286 -14.99 16.82 -0.26
C PHE A 286 -15.91 17.13 -1.45
N ASP A 287 -16.21 18.42 -1.61
CA ASP A 287 -16.89 18.94 -2.80
C ASP A 287 -15.99 20.01 -3.41
N ARG A 288 -15.82 19.98 -4.73
CA ARG A 288 -14.97 20.96 -5.44
C ARG A 288 -15.37 22.42 -5.21
N ASN A 289 -16.67 22.66 -5.00
CA ASN A 289 -17.21 24.00 -4.76
C ASN A 289 -17.00 24.54 -3.33
N THR A 290 -16.65 23.68 -2.37
CA THR A 290 -16.44 24.10 -0.97
C THR A 290 -15.15 23.61 -0.26
N CYS A 291 -14.43 22.63 -0.85
CA CYS A 291 -13.34 21.95 -0.14
C CYS A 291 -12.04 22.74 -0.12
N SER A 292 -11.51 22.99 1.09
CA SER A 292 -10.14 23.46 1.26
C SER A 292 -9.23 22.25 1.32
N ILE A 293 -8.43 22.07 0.27
CA ILE A 293 -7.49 20.95 0.19
C ILE A 293 -6.42 21.00 1.31
N PRO A 294 -5.75 22.15 1.51
CA PRO A 294 -4.79 22.26 2.64
C PRO A 294 -5.36 21.91 4.02
N LYS A 295 -6.54 22.45 4.34
CA LYS A 295 -7.19 22.17 5.61
C LYS A 295 -7.67 20.72 5.73
N SER A 296 -8.14 20.15 4.63
CA SER A 296 -8.56 18.74 4.59
C SER A 296 -7.41 17.76 4.85
N GLN A 297 -6.22 18.08 4.34
CA GLN A 297 -5.01 17.28 4.61
C GLN A 297 -4.56 17.38 6.07
N ILE A 298 -4.72 18.56 6.68
CA ILE A 298 -4.43 18.74 8.10
C ILE A 298 -5.37 17.91 8.97
N SER A 299 -6.65 17.89 8.60
CA SER A 299 -7.63 17.02 9.26
C SER A 299 -7.28 15.55 9.09
N PHE A 300 -6.97 15.16 7.85
CA PHE A 300 -6.60 13.78 7.51
C PHE A 300 -5.35 13.29 8.25
N ILE A 301 -4.32 14.13 8.31
CA ILE A 301 -3.06 13.79 8.98
C ILE A 301 -3.25 13.64 10.49
N ASP A 302 -3.96 14.59 11.11
CA ASP A 302 -4.19 14.57 12.56
C ASP A 302 -5.06 13.39 13.03
N TYR A 303 -6.02 12.98 12.21
CA TYR A 303 -6.96 11.92 12.58
C TYR A 303 -6.32 10.53 12.44
N PHE A 304 -5.76 10.25 11.27
CA PHE A 304 -5.28 8.90 10.91
C PHE A 304 -3.76 8.74 10.87
N ILE A 305 -3.08 9.65 10.17
CA ILE A 305 -1.67 9.45 9.78
C ILE A 305 -0.68 9.63 10.94
N THR A 306 -0.90 10.66 11.76
CA THR A 306 0.05 11.01 12.84
C THR A 306 0.29 9.86 13.83
N ASP A 307 -0.79 9.26 14.32
CA ASP A 307 -0.69 8.20 15.33
C ASP A 307 -0.24 6.85 14.75
N MET A 308 -0.62 6.57 13.49
CA MET A 308 -0.22 5.32 12.81
C MET A 308 1.29 5.29 12.58
N PHE A 309 1.79 6.31 11.90
CA PHE A 309 3.23 6.41 11.61
C PHE A 309 4.09 6.64 12.84
N ASP A 310 3.51 7.18 13.92
CA ASP A 310 4.21 7.29 15.20
C ASP A 310 4.55 5.90 15.76
N ALA A 311 3.57 5.01 15.77
CA ALA A 311 3.76 3.63 16.22
C ALA A 311 4.69 2.86 15.28
N TRP A 312 4.52 3.05 13.97
CA TRP A 312 5.36 2.42 12.95
C TRP A 312 6.81 2.90 13.02
N ASP A 313 7.00 4.20 13.26
CA ASP A 313 8.32 4.79 13.46
C ASP A 313 9.01 4.26 14.71
N ALA A 314 8.26 4.11 15.80
CA ALA A 314 8.80 3.53 17.05
C ALA A 314 9.38 2.13 16.86
N PHE A 315 8.71 1.33 16.04
CA PHE A 315 9.14 -0.04 15.74
C PHE A 315 10.32 -0.06 14.77
N VAL A 316 10.13 0.55 13.59
CA VAL A 316 11.07 0.42 12.47
C VAL A 316 12.22 1.44 12.49
N ASP A 317 11.98 2.63 13.04
CA ASP A 317 12.90 3.78 12.99
C ASP A 317 12.97 4.35 11.57
N LEU A 318 12.23 5.45 11.36
CA LEU A 318 12.05 6.05 10.04
C LEU A 318 12.25 7.58 10.12
N PRO A 319 13.51 8.03 10.27
CA PRO A 319 13.78 9.48 10.38
C PRO A 319 13.41 10.31 9.15
N ASP A 320 13.56 9.74 7.95
CA ASP A 320 13.20 10.44 6.70
C ASP A 320 11.70 10.71 6.58
N LEU A 321 10.89 9.70 6.90
CA LEU A 321 9.42 9.79 6.76
C LEU A 321 8.80 10.81 7.72
N MET A 322 9.25 10.79 8.97
CA MET A 322 8.72 11.68 10.01
C MET A 322 9.19 13.13 9.82
N GLN A 323 10.38 13.31 9.26
CA GLN A 323 10.88 14.65 8.88
C GLN A 323 10.09 15.23 7.71
N HIS A 324 9.75 14.39 6.73
CA HIS A 324 8.86 14.79 5.62
C HIS A 324 7.44 15.07 6.12
N LEU A 325 6.94 14.24 7.03
CA LEU A 325 5.62 14.43 7.63
C LEU A 325 5.50 15.78 8.36
N ASP A 326 6.55 16.15 9.08
CA ASP A 326 6.58 17.44 9.79
C ASP A 326 6.63 18.62 8.83
N ASN A 327 7.50 18.54 7.82
CA ASN A 327 7.65 19.61 6.82
C ASN A 327 6.38 19.83 6.00
N ASN A 328 5.74 18.73 5.59
CA ASN A 328 4.49 18.80 4.81
C ASN A 328 3.31 19.30 5.64
N PHE A 329 3.24 18.91 6.90
CA PHE A 329 2.19 19.39 7.82
C PHE A 329 2.28 20.90 8.03
N LYS A 330 3.50 21.39 8.22
CA LYS A 330 3.75 22.83 8.36
C LYS A 330 3.52 23.62 7.07
N TYR A 331 3.73 22.98 5.91
CA TYR A 331 3.45 23.58 4.61
C TYR A 331 1.96 23.85 4.39
N TRP A 332 1.11 22.88 4.76
CA TRP A 332 -0.36 23.05 4.66
C TRP A 332 -0.85 24.17 5.60
N LYS A 333 -0.24 24.28 6.77
CA LYS A 333 -0.54 25.38 7.72
C LYS A 333 -0.14 26.75 7.17
N GLY A 334 0.98 26.81 6.47
CA GLY A 334 1.45 28.04 5.82
C GLY A 334 0.57 28.55 4.70
N LEU A 335 -0.11 27.64 4.00
CA LEU A 335 -0.98 28.00 2.86
C LEU A 335 -2.32 28.66 3.23
N ASP A 336 -2.67 28.70 4.52
CA ASP A 336 -3.88 29.39 4.98
C ASP A 336 -3.79 30.89 4.68
N GLU A 337 -2.71 31.52 5.16
CA GLU A 337 -2.39 32.93 4.88
C GLU A 337 -3.48 33.93 5.34
N MET A 338 -4.22 33.57 6.39
CA MET A 338 -5.33 34.39 6.90
C MET A 338 -5.49 34.21 8.41
ZN ZN B . -4.75 1.84 -1.85
MG MG C . -8.40 0.17 -1.37
N1 GJR D . -5.85 12.22 1.91
C8 GJR D . -4.84 8.23 0.28
C5 GJR D . -4.94 10.22 1.02
C6 GJR D . -4.77 11.55 1.46
N3 GJR D . -7.31 10.34 1.55
C4 GJR D . -6.22 9.70 1.10
C2 GJR D . -7.01 11.58 1.93
C11 GJR D . -7.24 7.46 0.52
C13 GJR D . -7.80 7.07 1.86
C15 GJR D . -9.56 7.11 3.31
N7 GJR D . -6.15 8.42 0.62
N9 GJR D . -4.07 9.28 0.49
N10 GJR D . -3.60 12.18 1.45
CL1 GJR D . -8.35 12.51 2.52
N14 GJR D . -9.09 7.37 2.09
C16 GJR D . -8.82 6.55 4.35
C17 GJR D . -7.50 6.25 4.08
C18 GJR D . -6.97 6.49 2.81
O19 GJR D . -6.55 5.75 4.94
C20 GJR D . -6.90 5.52 6.31
C21 GJR D . -5.47 5.36 6.97
F22 GJR D . -4.79 4.37 6.35
F23 GJR D . -4.74 6.50 6.77
#